data_4MHE
#
_entry.id   4MHE
#
_cell.length_a   52.075
_cell.length_b   55.168
_cell.length_c   60.377
_cell.angle_alpha   90.00
_cell.angle_beta   109.25
_cell.angle_gamma   90.00
#
_symmetry.space_group_name_H-M   'P 1 21 1'
#
loop_
_entity.id
_entity.type
_entity.pdbx_description
1 polymer 'C-C motif chemokine 18'
2 non-polymer 'ACETATE ION'
3 water water
#
_entity_poly.entity_id   1
_entity_poly.type   'polypeptide(L)'
_entity_poly.pdbx_seq_one_letter_code
;SAQVGTNKELCCLVYTSWQIPQKFIVDYSETSPQCPKPGVILLTKRGRQICADPNKKWVQKYISDLKLNA
;
_entity_poly.pdbx_strand_id   A,B,C,D
#
loop_
_chem_comp.id
_chem_comp.type
_chem_comp.name
_chem_comp.formula
ACT non-polymer 'ACETATE ION' 'C2 H3 O2 -1'
#
# COMPACT_ATOMS: atom_id res chain seq x y z
N SER A 1 9.00 11.04 6.22
CA SER A 1 7.96 10.13 6.66
C SER A 1 8.29 9.54 8.04
N ALA A 2 8.19 10.38 9.06
CA ALA A 2 8.34 9.92 10.43
C ALA A 2 7.30 8.84 10.72
N GLN A 3 6.19 8.93 10.01
CA GLN A 3 5.03 8.09 10.30
C GLN A 3 4.86 6.90 9.37
N VAL A 4 4.46 5.79 9.98
CA VAL A 4 4.26 4.53 9.30
C VAL A 4 2.87 3.98 9.55
N GLY A 5 2.05 3.86 8.49
CA GLY A 5 0.75 3.23 8.59
C GLY A 5 -0.42 4.14 8.92
N THR A 6 -0.15 5.44 9.04
CA THR A 6 -1.17 6.42 9.41
C THR A 6 -1.86 7.00 8.18
N ASN A 7 -3.00 7.64 8.40
CA ASN A 7 -3.67 8.33 7.30
C ASN A 7 -2.79 9.42 6.71
N LYS A 8 -2.08 10.15 7.58
CA LYS A 8 -1.30 11.29 7.10
C LYS A 8 -0.18 10.86 6.16
N GLU A 9 0.24 9.61 6.27
CA GLU A 9 1.26 9.07 5.37
C GLU A 9 0.68 8.34 4.14
N LEU A 10 -0.53 7.81 4.25
CA LEU A 10 -1.07 6.97 3.18
C LEU A 10 -2.23 7.60 2.41
N CYS A 11 -2.63 8.80 2.84
CA CYS A 11 -3.79 9.46 2.26
C CYS A 11 -3.42 10.87 1.81
N CYS A 12 -4.18 11.38 0.86
CA CYS A 12 -4.17 12.81 0.59
C CYS A 12 -5.27 13.44 1.43
N LEU A 13 -4.85 14.18 2.46
CA LEU A 13 -5.80 14.90 3.29
C LEU A 13 -6.03 16.31 2.71
N VAL A 14 -5.00 16.86 2.07
CA VAL A 14 -5.09 18.15 1.38
C VAL A 14 -4.35 18.15 0.04
N TYR A 15 -5.09 18.27 -1.06
CA TYR A 15 -4.48 18.35 -2.38
C TYR A 15 -3.59 19.61 -2.57
N THR A 16 -2.67 19.58 -3.55
CA THR A 16 -1.99 20.78 -3.99
C THR A 16 -3.04 21.82 -4.37
N SER A 17 -2.80 23.09 -4.08
CA SER A 17 -3.77 24.13 -4.41
C SER A 17 -3.69 24.57 -5.86
N TRP A 18 -2.64 24.17 -6.56
CA TRP A 18 -2.44 24.63 -7.93
C TRP A 18 -1.97 23.52 -8.83
N GLN A 19 -2.18 23.71 -10.13
CA GLN A 19 -1.61 22.80 -11.10
C GLN A 19 -0.08 22.92 -11.06
N ILE A 20 0.57 21.77 -10.98
CA ILE A 20 2.03 21.67 -11.02
C ILE A 20 2.56 21.70 -12.46
N PRO A 21 3.69 22.38 -12.70
CA PRO A 21 4.26 22.31 -14.04
C PRO A 21 4.65 20.86 -14.38
N GLN A 22 4.36 20.43 -15.60
CA GLN A 22 4.44 19.01 -15.95
C GLN A 22 5.83 18.41 -15.85
N LYS A 23 6.87 19.22 -16.03
CA LYS A 23 8.26 18.70 -16.04
C LYS A 23 8.67 18.12 -14.70
N PHE A 24 7.94 18.49 -13.64
CA PHE A 24 8.32 18.09 -12.29
C PHE A 24 7.91 16.67 -11.92
N ILE A 25 6.87 16.15 -12.58
CA ILE A 25 6.29 14.86 -12.22
C ILE A 25 6.74 13.73 -13.14
N VAL A 26 7.35 12.70 -12.54
CA VAL A 26 7.88 11.58 -13.30
C VAL A 26 7.21 10.25 -12.96
N ASP A 27 6.32 10.27 -11.96
CA ASP A 27 5.61 9.06 -11.58
C ASP A 27 4.50 9.37 -10.58
N TYR A 28 3.73 8.36 -10.21
CA TYR A 28 2.66 8.56 -9.24
C TYR A 28 2.38 7.24 -8.56
N SER A 29 1.62 7.32 -7.47
CA SER A 29 1.18 6.11 -6.77
C SER A 29 -0.17 6.35 -6.11
N GLU A 30 -0.85 5.25 -5.81
CA GLU A 30 -2.22 5.31 -5.33
C GLU A 30 -2.20 5.57 -3.84
N THR A 31 -3.29 6.10 -3.30
CA THR A 31 -3.42 6.22 -1.85
C THR A 31 -4.22 5.03 -1.34
N SER A 32 -4.26 4.81 -0.04
CA SER A 32 -5.03 3.69 0.50
C SER A 32 -6.52 3.76 0.14
N PRO A 33 -7.13 2.59 -0.09
CA PRO A 33 -8.58 2.52 -0.29
C PRO A 33 -9.35 2.89 0.97
N GLN A 34 -8.68 2.92 2.11
CA GLN A 34 -9.34 3.36 3.33
C GLN A 34 -9.42 4.89 3.47
N CYS A 35 -8.81 5.63 2.54
CA CYS A 35 -8.83 7.08 2.67
C CYS A 35 -10.22 7.64 2.41
N PRO A 36 -10.66 8.58 3.27
CA PRO A 36 -11.99 9.19 3.11
C PRO A 36 -12.19 9.89 1.76
N LYS A 37 -11.16 10.51 1.19
CA LYS A 37 -11.28 11.14 -0.13
C LYS A 37 -10.25 10.63 -1.14
N PRO A 38 -10.58 10.74 -2.43
CA PRO A 38 -9.71 10.24 -3.50
C PRO A 38 -8.40 11.00 -3.46
N GLY A 39 -7.33 10.36 -3.92
CA GLY A 39 -6.04 11.03 -4.01
C GLY A 39 -5.05 10.16 -4.74
N VAL A 40 -4.15 10.80 -5.45
CA VAL A 40 -3.00 10.09 -6.01
C VAL A 40 -1.81 10.87 -5.50
N ILE A 41 -0.69 10.19 -5.30
CA ILE A 41 0.53 10.84 -4.87
C ILE A 41 1.45 11.00 -6.08
N LEU A 42 1.67 12.24 -6.50
CA LEU A 42 2.54 12.51 -7.65
C LEU A 42 3.97 12.53 -7.15
N LEU A 43 4.90 12.01 -7.95
CA LEU A 43 6.28 11.91 -7.51
C LEU A 43 7.19 12.76 -8.39
N THR A 44 8.03 13.57 -7.75
CA THR A 44 9.00 14.39 -8.45
C THR A 44 10.21 13.53 -8.73
N LYS A 45 11.20 14.10 -9.42
CA LYS A 45 12.44 13.36 -9.68
C LYS A 45 13.21 13.13 -8.38
N ARG A 46 13.13 14.12 -7.48
CA ARG A 46 13.82 14.03 -6.20
C ARG A 46 13.17 13.01 -5.26
N GLY A 47 12.22 12.25 -5.80
CA GLY A 47 11.54 11.25 -5.00
C GLY A 47 10.53 11.83 -4.02
N ARG A 48 10.22 13.11 -4.18
CA ARG A 48 9.33 13.79 -3.25
C ARG A 48 7.87 13.76 -3.72
N GLN A 49 6.95 13.91 -2.78
CA GLN A 49 5.55 13.70 -3.03
C GLN A 49 4.77 15.00 -3.06
N ILE A 50 3.75 15.03 -3.92
CA ILE A 50 2.75 16.10 -3.95
C ILE A 50 1.39 15.42 -4.11
N CYS A 51 0.48 15.69 -3.19
CA CYS A 51 -0.84 15.08 -3.25
C CYS A 51 -1.72 15.82 -4.25
N ALA A 52 -2.51 15.06 -5.03
CA ALA A 52 -3.36 15.67 -6.06
C ALA A 52 -4.69 14.94 -6.19
N ASP A 53 -5.67 15.64 -6.76
CA ASP A 53 -6.99 15.10 -6.91
C ASP A 53 -7.12 14.47 -8.30
N PRO A 54 -7.34 13.14 -8.33
CA PRO A 54 -7.42 12.30 -9.53
C PRO A 54 -8.53 12.75 -10.47
N ASN A 55 -9.49 13.49 -9.93
CA ASN A 55 -10.60 14.00 -10.73
C ASN A 55 -10.21 15.20 -11.60
N LYS A 56 -9.04 15.78 -11.36
CA LYS A 56 -8.60 16.90 -12.19
C LYS A 56 -8.10 16.45 -13.55
N LYS A 57 -8.47 17.19 -14.59
CA LYS A 57 -8.08 16.85 -15.95
C LYS A 57 -6.57 16.82 -16.11
N TRP A 58 -5.88 17.80 -15.51
CA TRP A 58 -4.44 17.87 -15.70
C TRP A 58 -3.74 16.67 -15.05
N VAL A 59 -4.30 16.19 -13.94
CA VAL A 59 -3.76 15.02 -13.27
C VAL A 59 -3.84 13.78 -14.16
N GLN A 60 -5.01 13.53 -14.72
CA GLN A 60 -5.20 12.44 -15.67
C GLN A 60 -4.29 12.59 -16.87
N LYS A 61 -4.21 13.80 -17.38
CA LYS A 61 -3.36 14.07 -18.54
C LYS A 61 -1.90 13.77 -18.22
N TYR A 62 -1.42 14.24 -17.06
CA TYR A 62 -0.02 14.04 -16.71
C TYR A 62 0.28 12.55 -16.62
N ILE A 63 -0.59 11.83 -15.92
CA ILE A 63 -0.36 10.39 -15.77
C ILE A 63 -0.38 9.70 -17.13
N SER A 64 -1.34 10.05 -17.98
CA SER A 64 -1.44 9.40 -19.28
C SER A 64 -0.17 9.63 -20.09
N ASP A 65 0.34 10.86 -20.09
CA ASP A 65 1.54 11.15 -20.86
C ASP A 65 2.77 10.36 -20.39
N LEU A 66 2.87 10.09 -19.09
CA LEU A 66 3.98 9.30 -18.56
C LEU A 66 3.87 7.83 -18.99
N LYS A 67 2.68 7.27 -18.87
CA LYS A 67 2.48 5.84 -19.16
C LYS A 67 2.59 5.52 -20.64
N LEU A 68 2.07 6.42 -21.47
CA LEU A 68 2.16 6.22 -22.92
C LEU A 68 3.54 6.65 -23.43
N ASN A 69 4.58 6.08 -22.81
CA ASN A 69 5.98 6.22 -23.22
C ASN A 69 6.94 6.17 -22.04
N SER B 1 5.49 -5.68 -11.04
CA SER B 1 5.04 -6.91 -11.72
C SER B 1 3.96 -6.59 -12.74
N ALA B 2 3.43 -7.61 -13.39
CA ALA B 2 2.45 -7.39 -14.44
C ALA B 2 1.15 -6.88 -13.84
N GLN B 3 0.76 -7.42 -12.69
CA GLN B 3 -0.51 -7.04 -12.06
C GLN B 3 -0.42 -5.82 -11.13
N VAL B 4 -1.42 -4.96 -11.22
CA VAL B 4 -1.52 -3.78 -10.35
C VAL B 4 -2.84 -3.82 -9.56
N GLY B 5 -2.74 -3.88 -8.24
CA GLY B 5 -3.90 -3.77 -7.36
C GLY B 5 -4.60 -5.07 -6.98
N THR B 6 -4.10 -6.19 -7.46
CA THR B 6 -4.70 -7.51 -7.19
C THR B 6 -4.11 -8.11 -5.92
N ASN B 7 -4.77 -9.16 -5.42
CA ASN B 7 -4.24 -9.87 -4.25
C ASN B 7 -2.87 -10.47 -4.54
N LYS B 8 -2.65 -10.86 -5.80
CA LYS B 8 -1.38 -11.44 -6.19
C LYS B 8 -0.24 -10.44 -6.09
N GLU B 9 -0.51 -9.18 -6.42
CA GLU B 9 0.53 -8.17 -6.27
C GLU B 9 0.77 -7.84 -4.81
N LEU B 10 -0.30 -7.77 -4.03
CA LEU B 10 -0.24 -7.08 -2.74
C LEU B 10 -0.26 -8.00 -1.52
N CYS B 11 -0.43 -9.30 -1.74
CA CYS B 11 -0.54 -10.27 -0.64
C CYS B 11 0.49 -11.37 -0.76
N CYS B 12 0.72 -12.06 0.34
CA CYS B 12 1.47 -13.30 0.30
C CYS B 12 0.48 -14.45 0.34
N LEU B 13 0.39 -15.17 -0.77
CA LEU B 13 -0.46 -16.35 -0.84
C LEU B 13 0.36 -17.53 -0.35
N VAL B 14 1.67 -17.47 -0.57
CA VAL B 14 2.60 -18.56 -0.24
C VAL B 14 3.94 -18.11 0.34
N TYR B 15 4.22 -18.49 1.59
CA TYR B 15 5.48 -18.15 2.25
C TYR B 15 6.68 -18.89 1.66
N THR B 16 7.89 -18.42 1.99
CA THR B 16 9.11 -19.14 1.62
C THR B 16 9.14 -20.48 2.37
N SER B 17 9.71 -21.52 1.77
CA SER B 17 9.75 -22.83 2.44
C SER B 17 10.96 -22.98 3.36
N TRP B 18 11.87 -22.02 3.33
CA TRP B 18 13.09 -22.14 4.11
C TRP B 18 13.58 -20.79 4.59
N GLN B 19 14.34 -20.78 5.67
CA GLN B 19 14.93 -19.52 6.10
C GLN B 19 15.88 -19.02 5.01
N ILE B 20 15.85 -17.71 4.76
CA ILE B 20 16.76 -17.10 3.80
C ILE B 20 17.99 -16.66 4.56
N PRO B 21 19.17 -16.87 3.98
CA PRO B 21 20.40 -16.31 4.57
C PRO B 21 20.22 -14.80 4.78
N GLN B 22 20.57 -14.31 5.96
CA GLN B 22 20.29 -12.94 6.37
C GLN B 22 20.95 -11.89 5.45
N LYS B 23 22.12 -12.20 4.93
CA LYS B 23 22.84 -11.26 4.07
C LYS B 23 21.99 -10.78 2.89
N PHE B 24 21.04 -11.59 2.46
CA PHE B 24 20.25 -11.27 1.26
C PHE B 24 19.19 -10.19 1.46
N ILE B 25 18.70 -10.06 2.70
CA ILE B 25 17.56 -9.18 2.99
C ILE B 25 17.99 -7.81 3.50
N VAL B 26 17.55 -6.75 2.81
CA VAL B 26 17.96 -5.40 3.22
C VAL B 26 16.79 -4.52 3.63
N ASP B 27 15.57 -5.00 3.44
CA ASP B 27 14.40 -4.17 3.76
C ASP B 27 13.17 -5.07 3.82
N TYR B 28 12.03 -4.49 4.18
CA TYR B 28 10.75 -5.21 4.14
C TYR B 28 9.59 -4.24 3.89
N SER B 29 8.44 -4.78 3.48
CA SER B 29 7.22 -4.01 3.23
C SER B 29 6.07 -4.80 3.77
N GLU B 30 5.00 -4.13 4.20
CA GLU B 30 3.81 -4.81 4.68
C GLU B 30 2.92 -5.26 3.53
N THR B 31 2.10 -6.27 3.77
CA THR B 31 1.09 -6.63 2.78
C THR B 31 -0.18 -5.86 3.11
N SER B 32 -1.17 -5.88 2.21
CA SER B 32 -2.41 -5.16 2.45
C SER B 32 -3.19 -5.74 3.64
N PRO B 33 -3.91 -4.88 4.39
CA PRO B 33 -4.74 -5.37 5.50
C PRO B 33 -5.96 -6.14 4.97
N GLN B 34 -6.16 -6.15 3.65
CA GLN B 34 -7.29 -6.86 3.06
C GLN B 34 -6.93 -8.32 2.83
N CYS B 35 -5.63 -8.63 2.92
CA CYS B 35 -5.18 -9.99 2.67
C CYS B 35 -5.68 -10.95 3.76
N PRO B 36 -6.19 -12.11 3.33
CA PRO B 36 -6.66 -13.22 4.17
C PRO B 36 -5.58 -13.74 5.14
N LYS B 37 -4.33 -13.87 4.68
CA LYS B 37 -3.23 -14.36 5.52
C LYS B 37 -2.24 -13.25 5.92
N PRO B 38 -1.64 -13.37 7.12
CA PRO B 38 -0.59 -12.40 7.45
C PRO B 38 0.58 -12.61 6.48
N GLY B 39 1.43 -11.61 6.35
CA GLY B 39 2.63 -11.77 5.56
C GLY B 39 3.39 -10.47 5.47
N VAL B 40 4.68 -10.60 5.20
CA VAL B 40 5.50 -9.42 4.95
C VAL B 40 6.30 -9.75 3.70
N ILE B 41 6.67 -8.72 2.95
CA ILE B 41 7.53 -8.89 1.79
C ILE B 41 8.93 -8.55 2.26
N LEU B 42 9.85 -9.51 2.15
CA LEU B 42 11.25 -9.21 2.41
C LEU B 42 11.86 -8.77 1.08
N LEU B 43 12.74 -7.78 1.14
CA LEU B 43 13.33 -7.20 -0.07
C LEU B 43 14.83 -7.42 -0.12
N THR B 44 15.31 -7.82 -1.30
CA THR B 44 16.73 -8.00 -1.51
C THR B 44 17.36 -6.68 -1.93
N LYS B 45 18.69 -6.68 -2.00
CA LYS B 45 19.47 -5.48 -2.28
C LYS B 45 18.94 -4.72 -3.49
N ARG B 46 18.50 -5.46 -4.50
CA ARG B 46 18.08 -4.86 -5.77
C ARG B 46 16.57 -4.82 -5.94
N GLY B 47 15.84 -4.94 -4.83
CA GLY B 47 14.41 -4.71 -4.85
C GLY B 47 13.52 -5.90 -5.17
N ARG B 48 14.09 -7.09 -5.24
CA ARG B 48 13.28 -8.27 -5.53
C ARG B 48 12.63 -8.82 -4.25
N GLN B 49 11.46 -9.44 -4.40
CA GLN B 49 10.60 -9.75 -3.25
C GLN B 49 10.56 -11.21 -2.84
N ILE B 50 10.54 -11.43 -1.52
CA ILE B 50 10.36 -12.77 -0.97
C ILE B 50 9.26 -12.72 0.09
N CYS B 51 8.20 -13.49 -0.12
CA CYS B 51 7.08 -13.47 0.83
C CYS B 51 7.40 -14.31 2.07
N ALA B 52 7.06 -13.79 3.25
CA ALA B 52 7.43 -14.52 4.46
C ALA B 52 6.37 -14.41 5.56
N ASP B 53 6.41 -15.38 6.48
CA ASP B 53 5.51 -15.42 7.62
C ASP B 53 6.08 -14.59 8.78
N PRO B 54 5.40 -13.47 9.13
CA PRO B 54 5.86 -12.62 10.24
C PRO B 54 5.86 -13.29 11.62
N ASN B 55 5.17 -14.42 11.74
CA ASN B 55 5.19 -15.17 12.99
C ASN B 55 6.47 -15.98 13.21
N LYS B 56 7.34 -16.02 12.21
CA LYS B 56 8.61 -16.76 12.36
C LYS B 56 9.66 -15.94 13.14
N LYS B 57 10.39 -16.59 14.05
CA LYS B 57 11.41 -15.90 14.83
C LYS B 57 12.42 -15.24 13.90
N TRP B 58 12.88 -15.99 12.90
CA TRP B 58 13.94 -15.48 12.03
C TRP B 58 13.48 -14.23 11.25
N VAL B 59 12.22 -14.20 10.87
CA VAL B 59 11.70 -13.02 10.18
C VAL B 59 11.74 -11.83 11.12
N GLN B 60 11.16 -11.99 12.31
CA GLN B 60 11.17 -10.94 13.32
C GLN B 60 12.61 -10.50 13.61
N LYS B 61 13.48 -11.47 13.78
CA LYS B 61 14.88 -11.17 14.06
C LYS B 61 15.56 -10.37 12.95
N TYR B 62 15.32 -10.75 11.70
CA TYR B 62 15.98 -10.09 10.56
C TYR B 62 15.52 -8.67 10.53
N ILE B 63 14.22 -8.47 10.71
CA ILE B 63 13.68 -7.14 10.67
C ILE B 63 14.28 -6.27 11.78
N SER B 64 14.27 -6.79 13.00
CA SER B 64 14.81 -6.04 14.13
C SER B 64 16.26 -5.65 13.90
N ASP B 65 17.05 -6.56 13.33
CA ASP B 65 18.46 -6.28 13.10
C ASP B 65 18.68 -5.19 12.06
N LEU B 66 17.86 -5.17 11.01
CA LEU B 66 17.91 -4.09 10.02
C LEU B 66 17.57 -2.72 10.64
N LYS B 67 16.53 -2.68 11.47
CA LYS B 67 16.04 -1.42 12.03
C LYS B 67 16.92 -0.91 13.16
N LEU B 68 17.37 -1.81 14.01
CA LEU B 68 18.15 -1.43 15.19
C LEU B 68 19.52 -0.88 14.80
N ASN B 69 20.22 -1.56 13.90
CA ASN B 69 21.50 -1.06 13.38
C ASN B 69 21.51 -0.93 11.87
N LYS C 8 -11.79 -16.56 -5.01
CA LYS C 8 -10.84 -15.84 -4.15
C LYS C 8 -9.43 -15.90 -4.70
N GLU C 9 -9.26 -16.62 -5.82
CA GLU C 9 -7.95 -16.76 -6.44
C GLU C 9 -7.39 -15.43 -6.91
N LEU C 10 -8.16 -14.73 -7.73
CA LEU C 10 -7.73 -13.45 -8.29
C LEU C 10 -8.75 -12.37 -7.96
N CYS C 11 -8.34 -11.41 -7.13
CA CYS C 11 -9.25 -10.41 -6.59
C CYS C 11 -8.61 -9.04 -6.69
N CYS C 12 -9.44 -8.00 -6.76
CA CYS C 12 -8.93 -6.64 -6.77
C CYS C 12 -8.96 -6.11 -5.35
N LEU C 13 -7.85 -5.50 -4.91
CA LEU C 13 -7.80 -4.90 -3.59
C LEU C 13 -7.76 -3.38 -3.68
N VAL C 14 -7.06 -2.87 -4.69
CA VAL C 14 -6.93 -1.43 -4.88
C VAL C 14 -7.28 -1.11 -6.34
N TYR C 15 -8.20 -0.17 -6.53
CA TYR C 15 -8.64 0.23 -7.86
C TYR C 15 -7.73 1.33 -8.41
N THR C 16 -7.53 1.37 -9.71
CA THR C 16 -6.71 2.42 -10.27
C THR C 16 -7.50 3.74 -10.30
N SER C 17 -6.82 4.82 -9.92
CA SER C 17 -7.36 6.18 -10.05
C SER C 17 -7.09 6.74 -11.45
N TRP C 18 -6.19 6.08 -12.19
CA TRP C 18 -5.87 6.51 -13.56
C TRP C 18 -6.96 6.07 -14.52
N GLN C 19 -7.65 7.03 -15.15
CA GLN C 19 -8.68 6.67 -16.13
C GLN C 19 -8.00 6.37 -17.46
N ILE C 20 -7.60 5.11 -17.63
CA ILE C 20 -6.76 4.72 -18.74
C ILE C 20 -7.42 5.06 -20.07
N PRO C 21 -6.69 5.79 -20.94
CA PRO C 21 -7.26 6.14 -22.26
C PRO C 21 -7.62 4.88 -23.03
N GLN C 22 -8.80 4.90 -23.65
CA GLN C 22 -9.40 3.73 -24.28
C GLN C 22 -8.44 3.00 -25.20
N LYS C 23 -7.65 3.75 -25.95
CA LYS C 23 -6.80 3.15 -26.98
C LYS C 23 -5.63 2.37 -26.38
N PHE C 24 -5.40 2.56 -25.07
CA PHE C 24 -4.34 1.84 -24.39
C PHE C 24 -4.83 0.49 -23.80
N ILE C 25 -6.13 0.26 -23.86
CA ILE C 25 -6.70 -0.97 -23.31
C ILE C 25 -7.04 -1.93 -24.42
N VAL C 26 -6.64 -3.18 -24.28
CA VAL C 26 -6.91 -4.14 -25.35
C VAL C 26 -7.97 -5.14 -24.95
N ASP C 27 -7.99 -5.51 -23.67
CA ASP C 27 -9.03 -6.43 -23.19
C ASP C 27 -9.18 -6.32 -21.68
N TYR C 28 -10.03 -7.17 -21.10
CA TYR C 28 -10.21 -7.18 -19.66
C TYR C 28 -10.68 -8.56 -19.21
N SER C 29 -10.52 -8.87 -17.93
CA SER C 29 -11.11 -10.09 -17.40
C SER C 29 -11.86 -9.78 -16.13
N GLU C 30 -12.73 -10.70 -15.75
CA GLU C 30 -13.48 -10.61 -14.50
C GLU C 30 -12.57 -11.09 -13.40
N THR C 31 -12.96 -10.88 -12.15
CA THR C 31 -12.25 -11.44 -11.01
C THR C 31 -13.06 -12.63 -10.47
N SER C 32 -12.49 -13.38 -9.53
CA SER C 32 -13.21 -14.54 -8.97
C SER C 32 -14.56 -14.18 -8.35
N PRO C 33 -15.53 -15.09 -8.49
CA PRO C 33 -16.91 -14.92 -8.00
C PRO C 33 -16.96 -14.70 -6.50
N GLN C 34 -15.91 -15.10 -5.80
CA GLN C 34 -15.95 -15.06 -4.34
C GLN C 34 -15.13 -13.95 -3.72
N CYS C 35 -14.55 -13.09 -4.56
CA CYS C 35 -13.79 -11.95 -4.05
C CYS C 35 -14.68 -11.05 -3.20
N PRO C 36 -14.12 -10.52 -2.12
CA PRO C 36 -14.86 -9.60 -1.26
C PRO C 36 -15.38 -8.37 -2.04
N LYS C 37 -14.64 -7.92 -3.05
CA LYS C 37 -14.99 -6.69 -3.77
C LYS C 37 -15.22 -6.91 -5.27
N PRO C 38 -16.14 -6.13 -5.84
CA PRO C 38 -16.25 -6.18 -7.30
C PRO C 38 -14.94 -5.70 -7.92
N GLY C 39 -14.67 -6.10 -9.15
CA GLY C 39 -13.44 -5.70 -9.81
C GLY C 39 -13.35 -6.33 -11.19
N VAL C 40 -12.72 -5.59 -12.09
CA VAL C 40 -12.33 -6.12 -13.39
C VAL C 40 -10.86 -5.82 -13.55
N ILE C 41 -10.20 -6.62 -14.39
CA ILE C 41 -8.79 -6.39 -14.63
C ILE C 41 -8.61 -5.94 -16.07
N LEU C 42 -8.07 -4.74 -16.26
CA LEU C 42 -7.89 -4.20 -17.60
C LEU C 42 -6.48 -4.54 -18.11
N LEU C 43 -6.41 -5.01 -19.35
CA LEU C 43 -5.11 -5.36 -19.94
C LEU C 43 -4.65 -4.23 -20.87
N THR C 44 -3.48 -3.67 -20.59
CA THR C 44 -2.95 -2.59 -21.40
C THR C 44 -2.07 -3.10 -22.54
N LYS C 45 -1.80 -2.22 -23.51
CA LYS C 45 -0.98 -2.56 -24.66
C LYS C 45 0.41 -3.03 -24.26
N ARG C 46 0.91 -2.58 -23.10
CA ARG C 46 2.23 -3.01 -22.60
C ARG C 46 2.14 -4.29 -21.79
N GLY C 47 0.96 -4.88 -21.74
CA GLY C 47 0.75 -6.11 -21.00
C GLY C 47 0.55 -5.94 -19.50
N ARG C 48 0.25 -4.72 -19.05
CA ARG C 48 -0.08 -4.55 -17.64
C ARG C 48 -1.51 -5.01 -17.34
N GLN C 49 -1.71 -5.59 -16.17
CA GLN C 49 -3.03 -6.02 -15.73
C GLN C 49 -3.48 -5.18 -14.53
N ILE C 50 -4.42 -4.26 -14.78
CA ILE C 50 -4.73 -3.25 -13.80
C ILE C 50 -6.17 -3.36 -13.26
N CYS C 51 -6.28 -3.52 -11.94
CA CYS C 51 -7.58 -3.52 -11.27
C CYS C 51 -8.29 -2.18 -11.41
N ALA C 52 -9.54 -2.24 -11.84
CA ALA C 52 -10.39 -1.07 -11.98
C ALA C 52 -11.78 -1.38 -11.36
N ASP C 53 -12.48 -0.33 -10.95
CA ASP C 53 -13.79 -0.50 -10.31
C ASP C 53 -14.93 -0.46 -11.33
N PRO C 54 -15.65 -1.58 -11.46
CA PRO C 54 -16.71 -1.68 -12.47
C PRO C 54 -17.86 -0.73 -12.20
N ASN C 55 -17.90 -0.13 -11.02
CA ASN C 55 -18.97 0.83 -10.74
C ASN C 55 -18.67 2.23 -11.31
N LYS C 56 -17.40 2.51 -11.57
CA LYS C 56 -17.04 3.78 -12.21
C LYS C 56 -17.53 3.84 -13.67
N LYS C 57 -18.12 4.97 -14.04
CA LYS C 57 -18.64 5.15 -15.40
C LYS C 57 -17.59 4.97 -16.48
N TRP C 58 -16.37 5.42 -16.22
CA TRP C 58 -15.34 5.29 -17.25
C TRP C 58 -15.04 3.81 -17.51
N VAL C 59 -15.07 3.02 -16.44
CA VAL C 59 -14.84 1.57 -16.55
C VAL C 59 -15.98 0.89 -17.28
N GLN C 60 -17.21 1.22 -16.91
CA GLN C 60 -18.39 0.69 -17.60
C GLN C 60 -18.29 0.93 -19.11
N LYS C 61 -17.69 2.05 -19.51
CA LYS C 61 -17.45 2.31 -20.92
C LYS C 61 -16.63 1.20 -21.57
N TYR C 62 -15.54 0.81 -20.92
CA TYR C 62 -14.65 -0.23 -21.41
C TYR C 62 -15.30 -1.60 -21.28
N ILE C 63 -16.03 -1.83 -20.23
CA ILE C 63 -16.56 -3.16 -19.96
C ILE C 63 -17.54 -3.58 -21.04
N SER C 64 -18.13 -2.61 -21.72
CA SER C 64 -19.09 -2.87 -22.80
C SER C 64 -18.44 -2.86 -24.19
N ASP C 65 -17.56 -1.88 -24.42
CA ASP C 65 -16.92 -1.73 -25.72
C ASP C 65 -15.93 -2.85 -26.05
N LEU C 66 -15.18 -3.32 -25.05
CA LEU C 66 -14.23 -4.42 -25.24
C LEU C 66 -14.91 -5.72 -25.67
N LYS C 67 -16.24 -5.72 -25.62
CA LYS C 67 -17.03 -6.80 -26.18
C LYS C 67 -17.58 -6.47 -27.57
N LEU C 68 -16.87 -5.58 -28.28
CA LEU C 68 -17.22 -5.17 -29.63
C LEU C 68 -16.02 -5.03 -30.56
N GLU D 9 -7.89 13.61 14.10
CA GLU D 9 -7.52 13.49 12.69
C GLU D 9 -6.55 12.32 12.46
N LEU D 10 -5.57 12.17 13.35
CA LEU D 10 -4.53 11.15 13.18
C LEU D 10 -5.05 9.71 13.45
N CYS D 11 -4.89 8.83 12.46
CA CYS D 11 -5.43 7.47 12.51
C CYS D 11 -4.50 6.43 11.89
N CYS D 12 -4.69 5.18 12.29
CA CYS D 12 -3.94 4.06 11.72
C CYS D 12 -4.77 3.38 10.64
N LEU D 13 -4.12 3.05 9.53
CA LEU D 13 -4.74 2.31 8.44
C LEU D 13 -4.06 0.95 8.28
N VAL D 14 -2.73 0.95 8.39
CA VAL D 14 -1.96 -0.29 8.30
C VAL D 14 -1.15 -0.51 9.57
N TYR D 15 -1.34 -1.68 10.20
CA TYR D 15 -0.64 -2.03 11.43
C TYR D 15 0.69 -2.72 11.12
N THR D 16 1.69 -2.52 11.98
CA THR D 16 3.00 -3.14 11.74
C THR D 16 2.98 -4.64 12.07
N SER D 17 3.63 -5.44 11.21
CA SER D 17 3.81 -6.86 11.49
C SER D 17 5.12 -7.07 12.23
N TRP D 18 5.91 -6.00 12.33
CA TRP D 18 7.16 -6.04 13.05
C TRP D 18 6.90 -5.89 14.54
N GLN D 19 7.14 -6.94 15.31
CA GLN D 19 7.01 -6.84 16.76
C GLN D 19 8.24 -6.12 17.32
N ILE D 20 8.17 -4.79 17.32
CA ILE D 20 9.27 -3.94 17.74
C ILE D 20 9.80 -4.35 19.11
N PRO D 21 11.10 -4.66 19.20
CA PRO D 21 11.66 -5.04 20.50
C PRO D 21 11.35 -3.95 21.53
N GLN D 22 10.83 -4.37 22.69
CA GLN D 22 10.32 -3.42 23.69
C GLN D 22 11.31 -2.29 24.01
N LYS D 23 12.60 -2.61 24.07
CA LYS D 23 13.58 -1.58 24.45
C LYS D 23 13.94 -0.62 23.33
N PHE D 24 13.38 -0.84 22.15
CA PHE D 24 13.53 0.11 21.05
C PHE D 24 12.32 1.07 21.01
N ILE D 25 11.38 0.87 21.93
CA ILE D 25 10.19 1.73 22.02
C ILE D 25 10.30 2.74 23.17
N VAL D 26 10.23 4.04 22.86
CA VAL D 26 10.43 5.03 23.91
C VAL D 26 9.12 5.55 24.49
N ASP D 27 8.03 5.40 23.73
CA ASP D 27 6.71 5.82 24.18
C ASP D 27 5.64 5.41 23.18
N TYR D 28 4.38 5.69 23.52
CA TYR D 28 3.28 5.34 22.64
C TYR D 28 2.15 6.33 22.83
N SER D 29 1.28 6.40 21.84
CA SER D 29 0.16 7.30 21.86
C SER D 29 -1.03 6.50 21.37
N GLU D 30 -2.20 6.80 21.90
CA GLU D 30 -3.42 6.16 21.44
C GLU D 30 -4.07 7.13 20.46
N THR D 31 -4.85 6.61 19.51
CA THR D 31 -5.46 7.46 18.50
C THR D 31 -6.90 7.77 18.88
N SER D 32 -7.48 8.77 18.23
CA SER D 32 -8.85 9.19 18.57
C SER D 32 -9.88 8.09 18.37
N PRO D 33 -10.84 8.00 19.30
CA PRO D 33 -11.97 7.08 19.17
C PRO D 33 -12.84 7.39 17.94
N GLN D 34 -12.63 8.55 17.32
CA GLN D 34 -13.36 8.89 16.09
C GLN D 34 -12.75 8.22 14.84
N CYS D 35 -11.50 7.78 14.95
CA CYS D 35 -10.89 6.99 13.89
C CYS D 35 -11.77 5.78 13.59
N PRO D 36 -11.85 5.39 12.30
CA PRO D 36 -12.68 4.24 11.95
C PRO D 36 -12.08 2.97 12.52
N LYS D 37 -10.75 2.94 12.56
CA LYS D 37 -10.01 1.82 13.15
C LYS D 37 -9.38 2.27 14.47
N PRO D 38 -9.24 1.33 15.40
CA PRO D 38 -8.51 1.62 16.63
C PRO D 38 -7.02 1.53 16.33
N GLY D 39 -6.20 2.27 17.07
CA GLY D 39 -4.78 2.21 16.84
C GLY D 39 -3.97 2.75 17.99
N VAL D 40 -2.76 2.23 18.16
CA VAL D 40 -1.81 2.88 19.04
C VAL D 40 -0.63 3.21 18.16
N ILE D 41 0.06 4.29 18.48
CA ILE D 41 1.25 4.70 17.75
C ILE D 41 2.45 4.48 18.68
N LEU D 42 3.41 3.67 18.23
CA LEU D 42 4.62 3.40 18.99
C LEU D 42 5.70 4.33 18.49
N LEU D 43 6.41 4.98 19.40
CA LEU D 43 7.51 5.87 19.01
C LEU D 43 8.84 5.16 19.25
N THR D 44 9.64 5.02 18.20
CA THR D 44 10.91 4.31 18.35
C THR D 44 12.07 5.26 18.69
N LYS D 45 13.19 4.68 19.14
CA LYS D 45 14.39 5.46 19.44
C LYS D 45 14.86 6.28 18.25
N ARG D 46 14.51 5.84 17.04
CA ARG D 46 14.96 6.58 15.84
C ARG D 46 13.91 7.61 15.45
N GLY D 47 12.88 7.72 16.29
CA GLY D 47 11.88 8.77 16.13
C GLY D 47 10.76 8.46 15.15
N ARG D 48 10.67 7.20 14.75
CA ARG D 48 9.56 6.78 13.92
C ARG D 48 8.28 6.64 14.73
N GLN D 49 7.15 6.98 14.10
CA GLN D 49 5.84 6.78 14.70
C GLN D 49 5.14 5.65 13.93
N ILE D 50 5.03 4.49 14.56
CA ILE D 50 4.60 3.28 13.87
C ILE D 50 3.26 2.80 14.44
N CYS D 51 2.25 2.72 13.57
CA CYS D 51 0.94 2.23 13.97
C CYS D 51 1.01 0.75 14.27
N ALA D 52 0.29 0.33 15.31
CA ALA D 52 0.26 -1.07 15.72
C ALA D 52 -1.15 -1.38 16.20
N ASP D 53 -1.49 -2.66 16.14
CA ASP D 53 -2.84 -3.14 16.46
C ASP D 53 -3.01 -3.35 17.96
N PRO D 54 -3.86 -2.54 18.59
CA PRO D 54 -4.10 -2.72 20.02
C PRO D 54 -4.83 -4.04 20.35
N ASN D 55 -5.38 -4.71 19.34
CA ASN D 55 -5.97 -6.03 19.58
C ASN D 55 -4.92 -7.13 19.64
N LYS D 56 -3.68 -6.77 19.32
CA LYS D 56 -2.58 -7.74 19.39
C LYS D 56 -2.03 -7.83 20.81
N LYS D 57 -1.89 -9.04 21.31
CA LYS D 57 -1.39 -9.25 22.65
C LYS D 57 0.01 -8.65 22.88
N TRP D 58 0.90 -8.76 21.89
CA TRP D 58 2.24 -8.20 22.07
C TRP D 58 2.19 -6.68 22.25
N VAL D 59 1.33 -6.02 21.50
CA VAL D 59 1.15 -4.58 21.67
C VAL D 59 0.59 -4.27 23.06
N GLN D 60 -0.39 -5.06 23.48
CA GLN D 60 -0.97 -4.87 24.82
C GLN D 60 0.07 -5.11 25.91
N LYS D 61 0.92 -6.12 25.71
CA LYS D 61 1.94 -6.41 26.70
C LYS D 61 2.96 -5.28 26.81
N TYR D 62 3.31 -4.66 25.69
CA TYR D 62 4.28 -3.56 25.74
C TYR D 62 3.70 -2.36 26.48
N ILE D 63 2.49 -1.95 26.08
CA ILE D 63 1.79 -0.87 26.75
C ILE D 63 1.67 -1.09 28.27
N SER D 64 1.38 -2.31 28.68
CA SER D 64 1.21 -2.60 30.11
C SER D 64 2.48 -2.36 30.91
N ASP D 65 3.63 -2.57 30.29
CA ASP D 65 4.93 -2.39 30.94
C ASP D 65 5.55 -1.01 30.70
N LEU D 66 5.34 -0.48 29.50
CA LEU D 66 5.80 0.84 29.12
C LEU D 66 5.21 1.84 30.13
N LYS D 67 4.12 1.44 30.77
CA LYS D 67 3.55 2.24 31.85
C LYS D 67 4.23 1.52 33.03
N LEU D 68 5.23 2.19 33.60
CA LEU D 68 5.89 1.70 34.81
C LEU D 68 7.01 2.71 35.12
C ACT E . -5.38 -1.17 2.25
O ACT E . -4.91 -1.94 1.37
OXT ACT E . -4.68 -0.19 2.62
CH3 ACT E . -6.73 -1.43 2.85
H1 ACT E . -6.95 -0.66 3.59
H2 ACT E . -6.74 -2.40 3.33
H3 ACT E . -7.49 -1.41 2.06
#